data_8UQB
#
_entry.id   8UQB
#
_cell.length_a   101.948
_cell.length_b   101.948
_cell.length_c   86.992
_cell.angle_alpha   90.00
_cell.angle_beta   90.00
_cell.angle_gamma   120.00
#
_symmetry.space_group_name_H-M   'P 32 2 1'
#
loop_
_entity.id
_entity.type
_entity.pdbx_description
1 polymer 'E3 ubiquitin-protein ligase RNF168,Ubiquitin-conjugating enzyme E2 D3,Histone H2B type 2-E,Histone H2A type 1-B/E'
2 non-polymer 'ZINC ION'
3 non-polymer 'CHLORIDE ION'
4 water water
#
_entity_poly.entity_id   1
_entity_poly.type   'polypeptide(L)'
_entity_poly.pdbx_seq_one_letter_code
;GHMALPKDAIPSLSECQCGICMEILVEPVTLPCNHTLCKPCFQSTVEKASLCCPFCRRRVSSWTRYHTRRNSLVNVELWT
IIQKHYPRECKLRASGSGSGSGSALKRINKELSDLARDPPAQCSAGPVGDDMFHWQATIMGPNDSPYQGGVFFLTIHFPT
DYPFKPPKVAFTTRIYHPNINSNGSIKLDILRSQWSPALTISKVLLSICSLLCDPNPDDPLVPEIARIYKTDRDKYNRIS
REWTQKYAMGGSGGGSGGSGGSGGSGSGSRKESYSIYVYKVLKQVHPDTGISSKAMGIMNSFVNDIFERIAGEASRLAHY
NKRSTITSREIQTAVRLLLPGELAKHAVSEGTKAVTKYTSSAKAKTRSSRAGLQFPVGRVHRLLRKGNYSERVGAGAPVY
LAAVLEYLTAEILELAGNAARDNKKTRIIPRHLQLAIRNDEELNKLLGRVTIAQG
;
_entity_poly.pdbx_strand_id   A
#
loop_
_chem_comp.id
_chem_comp.type
_chem_comp.name
_chem_comp.formula
CL non-polymer 'CHLORIDE ION' 'Cl -1'
ZN non-polymer 'ZINC ION' 'Zn 2'
#
# COMPACT_ATOMS: atom_id res chain seq x y z
N CYS A 16 3.54 -23.02 -5.35
CA CYS A 16 4.12 -24.11 -6.14
C CYS A 16 3.16 -25.28 -6.25
N GLN A 17 1.88 -25.07 -5.94
CA GLN A 17 0.91 -26.14 -6.04
C GLN A 17 -0.48 -25.65 -6.46
N CYS A 18 -1.19 -24.90 -5.60
CA CYS A 18 -2.58 -24.55 -5.85
C CYS A 18 -2.69 -23.12 -6.36
N GLY A 19 -3.27 -22.97 -7.55
CA GLY A 19 -3.26 -21.67 -8.20
C GLY A 19 -4.23 -20.67 -7.61
N ILE A 20 -5.28 -21.12 -6.94
CA ILE A 20 -6.30 -20.21 -6.46
C ILE A 20 -5.84 -19.49 -5.20
N CYS A 21 -5.38 -20.25 -4.20
CA CYS A 21 -5.04 -19.70 -2.89
C CYS A 21 -3.56 -19.53 -2.66
N MET A 22 -2.72 -19.92 -3.61
CA MET A 22 -1.27 -19.94 -3.45
C MET A 22 -0.90 -20.52 -2.09
N GLU A 23 -1.38 -21.73 -1.85
CA GLU A 23 -0.97 -22.55 -0.73
C GLU A 23 -0.76 -23.96 -1.27
N ILE A 24 -0.14 -24.81 -0.44
CA ILE A 24 0.07 -26.19 -0.86
C ILE A 24 -1.27 -26.85 -1.14
N LEU A 25 -1.28 -27.76 -2.11
CA LEU A 25 -2.50 -28.49 -2.44
C LEU A 25 -2.83 -29.47 -1.31
N VAL A 26 -4.10 -29.52 -0.94
CA VAL A 26 -4.61 -30.51 0.01
C VAL A 26 -5.87 -31.12 -0.59
N GLU A 27 -5.96 -32.45 -0.53
CA GLU A 27 -7.03 -33.19 -1.18
C GLU A 27 -7.24 -32.65 -2.60
N PRO A 28 -6.20 -32.60 -3.42
CA PRO A 28 -6.33 -31.95 -4.73
C PRO A 28 -7.44 -32.57 -5.58
N VAL A 29 -8.10 -31.70 -6.34
CA VAL A 29 -9.13 -32.11 -7.29
C VAL A 29 -8.64 -31.70 -8.67
N THR A 30 -8.56 -32.66 -9.59
CA THR A 30 -8.19 -32.40 -10.97
C THR A 30 -9.43 -32.54 -11.84
N LEU A 31 -9.72 -31.50 -12.61
CA LEU A 31 -10.90 -31.47 -13.47
C LEU A 31 -10.57 -32.01 -14.84
N PRO A 32 -11.59 -32.35 -15.64
CA PRO A 32 -11.31 -32.83 -17.00
C PRO A 32 -10.35 -31.94 -17.79
N CYS A 33 -10.41 -30.63 -17.56
CA CYS A 33 -9.49 -29.70 -18.20
C CYS A 33 -8.07 -29.80 -17.66
N ASN A 34 -7.86 -30.59 -16.61
CA ASN A 34 -6.55 -30.84 -16.00
C ASN A 34 -6.00 -29.67 -15.21
N HIS A 35 -6.81 -28.65 -14.95
CA HIS A 35 -6.47 -27.68 -13.91
C HIS A 35 -6.75 -28.33 -12.56
N THR A 36 -5.87 -28.08 -11.59
CA THR A 36 -5.98 -28.68 -10.27
C THR A 36 -6.06 -27.60 -9.20
N LEU A 37 -6.95 -27.80 -8.24
CA LEU A 37 -7.12 -26.90 -7.11
C LEU A 37 -7.45 -27.75 -5.90
N CYS A 38 -7.12 -27.21 -4.71
CA CYS A 38 -7.37 -27.95 -3.49
C CYS A 38 -8.87 -28.10 -3.24
N LYS A 39 -9.22 -29.16 -2.52
CA LYS A 39 -10.63 -29.43 -2.26
C LYS A 39 -11.36 -28.25 -1.64
N PRO A 40 -10.78 -27.51 -0.70
CA PRO A 40 -11.48 -26.29 -0.22
C PRO A 40 -11.79 -25.31 -1.34
N CYS A 41 -10.78 -24.94 -2.14
CA CYS A 41 -11.00 -24.00 -3.24
C CYS A 41 -12.03 -24.55 -4.21
N PHE A 42 -11.94 -25.83 -4.56
CA PHE A 42 -12.92 -26.45 -5.45
C PHE A 42 -14.32 -26.31 -4.89
N GLN A 43 -14.50 -26.68 -3.62
CA GLN A 43 -15.81 -26.55 -3.00
C GLN A 43 -16.26 -25.10 -2.94
N SER A 44 -15.34 -24.20 -2.60
CA SER A 44 -15.72 -22.80 -2.40
C SER A 44 -16.18 -22.14 -3.69
N THR A 45 -15.49 -22.38 -4.79
CA THR A 45 -15.76 -21.65 -6.03
C THR A 45 -16.41 -22.47 -7.13
N VAL A 46 -16.26 -23.79 -7.14
CA VAL A 46 -16.83 -24.60 -8.20
C VAL A 46 -18.11 -25.27 -7.71
N GLU A 47 -17.99 -26.15 -6.71
CA GLU A 47 -19.12 -27.00 -6.32
C GLU A 47 -20.33 -26.17 -5.89
N LYS A 48 -20.09 -25.07 -5.17
CA LYS A 48 -21.21 -24.37 -4.53
C LYS A 48 -22.09 -23.68 -5.55
N ALA A 49 -21.50 -23.09 -6.60
CA ALA A 49 -22.30 -22.29 -7.52
C ALA A 49 -21.88 -22.41 -8.98
N SER A 50 -20.64 -22.04 -9.29
CA SER A 50 -20.26 -21.87 -10.69
C SER A 50 -20.30 -23.18 -11.46
N LEU A 51 -19.79 -24.26 -10.88
CA LEU A 51 -19.64 -25.53 -11.58
C LEU A 51 -18.89 -25.31 -12.89
N CYS A 52 -17.81 -24.54 -12.81
CA CYS A 52 -16.92 -24.30 -13.94
C CYS A 52 -15.51 -24.10 -13.40
N CYS A 53 -14.52 -24.50 -14.19
CA CYS A 53 -13.14 -24.31 -13.79
C CYS A 53 -12.86 -22.81 -13.61
N PRO A 54 -12.32 -22.39 -12.46
CA PRO A 54 -12.04 -20.96 -12.28
C PRO A 54 -10.95 -20.44 -13.19
N PHE A 55 -10.11 -21.31 -13.75
CA PHE A 55 -9.02 -20.87 -14.60
C PHE A 55 -9.47 -20.69 -16.05
N CYS A 56 -10.16 -21.68 -16.62
CA CYS A 56 -10.51 -21.67 -18.04
C CYS A 56 -12.01 -21.71 -18.31
N ARG A 57 -12.85 -21.74 -17.28
CA ARG A 57 -14.30 -21.65 -17.43
C ARG A 57 -14.91 -22.82 -18.19
N ARG A 58 -14.24 -23.98 -18.16
CA ARG A 58 -14.82 -25.18 -18.72
C ARG A 58 -15.89 -25.73 -17.77
N ARG A 59 -17.05 -26.08 -18.31
CA ARG A 59 -18.13 -26.58 -17.47
C ARG A 59 -17.80 -27.99 -16.98
N VAL A 60 -17.92 -28.19 -15.68
CA VAL A 60 -17.59 -29.47 -15.05
C VAL A 60 -18.78 -29.95 -14.24
N SER A 61 -19.99 -29.63 -14.70
CA SER A 61 -21.18 -30.00 -13.95
C SER A 61 -21.42 -31.51 -14.01
N SER A 62 -21.47 -32.07 -15.21
CA SER A 62 -21.68 -33.52 -15.32
C SER A 62 -20.61 -34.28 -14.53
N TRP A 63 -19.35 -33.88 -14.69
CA TRP A 63 -18.26 -34.54 -13.99
C TRP A 63 -18.39 -34.43 -12.47
N THR A 64 -18.76 -33.25 -11.97
CA THR A 64 -18.79 -33.02 -10.54
C THR A 64 -19.91 -33.80 -9.87
N ARG A 65 -21.09 -33.84 -10.50
CA ARG A 65 -22.23 -34.54 -9.91
C ARG A 65 -21.93 -36.03 -9.80
N TYR A 66 -21.37 -36.62 -10.87
CA TYR A 66 -20.97 -38.02 -10.86
C TYR A 66 -20.05 -38.32 -9.68
N HIS A 67 -18.95 -37.57 -9.57
CA HIS A 67 -17.88 -37.94 -8.67
C HIS A 67 -18.15 -37.52 -7.22
N THR A 68 -18.95 -36.48 -7.00
CA THR A 68 -19.31 -36.13 -5.63
C THR A 68 -20.14 -37.25 -4.99
N ARG A 69 -21.06 -37.82 -5.74
CA ARG A 69 -21.84 -38.94 -5.22
C ARG A 69 -20.96 -40.15 -4.96
N ARG A 70 -19.94 -40.36 -5.79
CA ARG A 70 -19.08 -41.53 -5.69
C ARG A 70 -17.78 -41.27 -4.95
N ASN A 71 -17.61 -40.08 -4.38
CA ASN A 71 -16.43 -39.75 -3.57
C ASN A 71 -15.14 -40.06 -4.33
N SER A 72 -15.08 -39.64 -5.59
CA SER A 72 -13.89 -39.82 -6.41
C SER A 72 -13.37 -38.49 -6.94
N LEU A 73 -13.75 -37.38 -6.30
CA LEU A 73 -13.27 -36.06 -6.73
C LEU A 73 -11.77 -35.97 -6.55
N VAL A 74 -11.27 -36.35 -5.38
CA VAL A 74 -9.86 -36.16 -5.05
C VAL A 74 -8.99 -37.05 -5.93
N ASN A 75 -7.89 -36.49 -6.41
CA ASN A 75 -6.92 -37.22 -7.22
C ASN A 75 -6.06 -38.05 -6.28
N VAL A 76 -6.40 -39.33 -6.12
CA VAL A 76 -5.72 -40.16 -5.14
C VAL A 76 -4.23 -40.24 -5.47
N GLU A 77 -3.89 -40.59 -6.71
CA GLU A 77 -2.49 -40.76 -7.07
C GLU A 77 -1.67 -39.53 -6.70
N LEU A 78 -2.11 -38.36 -7.15
CA LEU A 78 -1.42 -37.12 -6.82
C LEU A 78 -1.37 -36.93 -5.30
N TRP A 79 -2.52 -37.08 -4.63
CA TRP A 79 -2.58 -36.79 -3.20
C TRP A 79 -1.65 -37.71 -2.40
N THR A 80 -1.67 -39.01 -2.72
CA THR A 80 -0.92 -39.97 -1.90
C THR A 80 0.58 -39.76 -2.05
N ILE A 81 1.05 -39.37 -3.24
CA ILE A 81 2.48 -39.21 -3.47
C ILE A 81 2.98 -37.82 -3.12
N ILE A 82 2.10 -36.91 -2.72
CA ILE A 82 2.54 -35.55 -2.37
C ILE A 82 3.02 -35.45 -0.93
N GLN A 83 2.74 -36.45 -0.10
CA GLN A 83 3.06 -36.33 1.32
C GLN A 83 4.55 -36.09 1.53
N LYS A 84 5.39 -36.83 0.82
CA LYS A 84 6.84 -36.65 0.95
C LYS A 84 7.27 -36.67 2.40
N GLY A 102 -11.02 -12.26 4.46
CA GLY A 102 -11.59 -13.03 3.37
C GLY A 102 -10.55 -13.62 2.44
N SER A 103 -11.01 -14.40 1.46
CA SER A 103 -10.09 -15.04 0.54
C SER A 103 -9.30 -14.01 -0.26
N ALA A 104 -9.96 -12.95 -0.72
CA ALA A 104 -9.26 -11.93 -1.50
C ALA A 104 -8.13 -11.31 -0.71
N LEU A 105 -8.40 -10.90 0.53
CA LEU A 105 -7.36 -10.31 1.36
C LEU A 105 -6.24 -11.32 1.63
N LYS A 106 -6.62 -12.56 2.01
CA LYS A 106 -5.63 -13.56 2.32
C LYS A 106 -4.67 -13.79 1.16
N ARG A 107 -5.20 -13.80 -0.07
CA ARG A 107 -4.36 -14.08 -1.22
C ARG A 107 -3.44 -12.90 -1.54
N ILE A 108 -3.95 -11.68 -1.40
CA ILE A 108 -3.12 -10.50 -1.63
C ILE A 108 -1.91 -10.54 -0.71
N ASN A 109 -2.12 -10.92 0.55
CA ASN A 109 -0.99 -11.05 1.47
C ASN A 109 -0.04 -12.16 1.01
N LYS A 110 -0.59 -13.24 0.44
CA LYS A 110 0.26 -14.29 -0.08
C LYS A 110 1.06 -13.81 -1.29
N GLU A 111 0.46 -12.97 -2.13
CA GLU A 111 1.21 -12.37 -3.23
C GLU A 111 2.38 -11.56 -2.71
N LEU A 112 2.14 -10.69 -1.73
CA LEU A 112 3.20 -9.85 -1.18
C LEU A 112 4.33 -10.71 -0.60
N SER A 113 3.97 -11.74 0.16
CA SER A 113 4.98 -12.67 0.65
C SER A 113 5.72 -13.34 -0.50
N ASP A 114 4.97 -13.88 -1.47
CA ASP A 114 5.59 -14.40 -2.69
C ASP A 114 6.50 -13.36 -3.32
N LEU A 115 6.03 -12.10 -3.38
CA LEU A 115 6.83 -11.03 -3.97
C LEU A 115 8.16 -10.88 -3.27
N ALA A 116 8.18 -11.03 -1.94
CA ALA A 116 9.44 -10.97 -1.20
C ALA A 116 10.25 -12.23 -1.37
N ARG A 117 9.59 -13.39 -1.46
CA ARG A 117 10.31 -14.65 -1.62
C ARG A 117 11.09 -14.68 -2.91
N ASP A 118 10.51 -14.17 -4.00
CA ASP A 118 11.14 -14.16 -5.32
C ASP A 118 10.99 -12.77 -5.93
N PRO A 119 11.76 -11.79 -5.47
CA PRO A 119 11.64 -10.42 -6.01
C PRO A 119 11.79 -10.41 -7.52
N PRO A 120 10.79 -9.91 -8.24
CA PRO A 120 10.90 -9.87 -9.70
C PRO A 120 11.96 -8.88 -10.14
N ALA A 121 12.63 -9.22 -11.24
CA ALA A 121 13.72 -8.40 -11.74
C ALA A 121 13.19 -7.06 -12.23
N GLN A 122 13.84 -5.98 -11.80
CA GLN A 122 13.58 -4.62 -12.26
C GLN A 122 12.25 -4.08 -11.75
N CYS A 123 11.64 -4.76 -10.78
CA CYS A 123 10.28 -4.44 -10.35
C CYS A 123 10.19 -4.46 -8.83
N SER A 124 9.20 -3.74 -8.33
CA SER A 124 8.81 -3.81 -6.93
C SER A 124 7.38 -3.30 -6.82
N ALA A 125 6.68 -3.76 -5.79
CA ALA A 125 5.31 -3.35 -5.55
C ALA A 125 4.97 -3.60 -4.10
N GLY A 126 4.04 -2.81 -3.59
CA GLY A 126 3.60 -2.93 -2.23
C GLY A 126 2.39 -2.07 -1.94
N PRO A 127 1.69 -2.34 -0.84
CA PRO A 127 0.47 -1.60 -0.54
C PRO A 127 0.75 -0.13 -0.27
N VAL A 128 -0.30 0.66 -0.42
CA VAL A 128 -0.28 2.07 -0.05
C VAL A 128 -0.74 2.14 1.41
N GLY A 129 0.19 2.47 2.30
CA GLY A 129 -0.15 2.48 3.71
C GLY A 129 -0.64 1.11 4.16
N ASP A 130 -1.79 1.10 4.83
CA ASP A 130 -2.38 -0.12 5.35
C ASP A 130 -3.49 -0.67 4.46
N ASP A 131 -3.66 -0.10 3.26
CA ASP A 131 -4.69 -0.56 2.32
C ASP A 131 -4.07 -1.66 1.45
N MET A 132 -4.50 -2.90 1.66
CA MET A 132 -3.98 -4.01 0.89
C MET A 132 -4.51 -4.05 -0.53
N PHE A 133 -5.69 -3.45 -0.78
CA PHE A 133 -6.30 -3.48 -2.10
C PHE A 133 -5.78 -2.37 -3.01
N HIS A 134 -4.94 -1.48 -2.50
CA HIS A 134 -4.38 -0.38 -3.27
C HIS A 134 -2.86 -0.44 -3.14
N TRP A 135 -2.18 -0.75 -4.22
CA TRP A 135 -0.73 -0.89 -4.23
C TRP A 135 -0.10 0.15 -5.14
N GLN A 136 1.19 0.41 -4.90
CA GLN A 136 2.05 1.14 -5.81
C GLN A 136 3.08 0.17 -6.37
N ALA A 137 3.50 0.41 -7.61
CA ALA A 137 4.49 -0.45 -8.25
C ALA A 137 5.44 0.41 -9.05
N THR A 138 6.69 -0.03 -9.12
CA THR A 138 7.71 0.66 -9.89
C THR A 138 8.33 -0.30 -10.90
N ILE A 139 8.63 0.22 -12.08
CA ILE A 139 9.32 -0.51 -13.12
C ILE A 139 10.49 0.33 -13.60
N MET A 140 11.69 -0.24 -13.57
CA MET A 140 12.86 0.42 -14.15
C MET A 140 12.92 0.07 -15.63
N GLY A 141 13.20 1.08 -16.45
CA GLY A 141 13.27 0.89 -17.87
C GLY A 141 14.23 -0.23 -18.24
N PRO A 142 13.72 -1.26 -18.93
CA PRO A 142 14.60 -2.36 -19.32
C PRO A 142 15.84 -1.86 -20.06
N ASN A 143 16.94 -2.59 -19.86
CA ASN A 143 18.19 -2.25 -20.54
C ASN A 143 18.04 -2.33 -22.04
N ASP A 144 17.33 -3.36 -22.51
CA ASP A 144 17.12 -3.59 -23.93
C ASP A 144 16.31 -2.47 -24.57
N SER A 145 15.40 -1.86 -23.82
CA SER A 145 14.44 -0.90 -24.35
C SER A 145 15.04 0.50 -24.46
N PRO A 146 14.31 1.43 -25.08
CA PRO A 146 14.72 2.84 -25.05
C PRO A 146 14.26 3.59 -23.81
N TYR A 147 13.65 2.90 -22.85
CA TYR A 147 13.27 3.49 -21.58
C TYR A 147 14.34 3.29 -20.51
N GLN A 148 15.46 2.67 -20.87
CA GLN A 148 16.50 2.34 -19.91
C GLN A 148 16.93 3.56 -19.12
N GLY A 149 17.14 3.36 -17.83
CA GLY A 149 17.56 4.43 -16.95
C GLY A 149 16.45 5.25 -16.34
N GLY A 150 15.20 4.95 -16.66
CA GLY A 150 14.06 5.66 -16.11
C GLY A 150 13.31 4.81 -15.11
N VAL A 151 12.61 5.47 -14.19
CA VAL A 151 11.79 4.79 -13.18
C VAL A 151 10.34 5.16 -13.46
N PHE A 152 9.51 4.14 -13.65
CA PHE A 152 8.10 4.32 -14.00
C PHE A 152 7.24 3.80 -12.85
N PHE A 153 6.33 4.64 -12.38
CA PHE A 153 5.45 4.29 -11.28
C PHE A 153 4.08 3.88 -11.82
N LEU A 154 3.51 2.86 -11.21
CA LEU A 154 2.21 2.33 -11.61
C LEU A 154 1.32 2.24 -10.38
N THR A 155 0.03 2.31 -10.61
CA THR A 155 -0.99 2.17 -9.58
C THR A 155 -1.67 0.83 -9.80
N ILE A 156 -1.89 0.08 -8.73
CA ILE A 156 -2.56 -1.21 -8.82
C ILE A 156 -3.72 -1.25 -7.84
N HIS A 157 -4.90 -1.62 -8.32
CA HIS A 157 -6.11 -1.70 -7.51
C HIS A 157 -6.68 -3.10 -7.59
N PHE A 158 -6.80 -3.76 -6.44
CA PHE A 158 -7.35 -5.10 -6.45
C PHE A 158 -8.86 -5.05 -6.26
N PRO A 159 -9.62 -5.84 -7.02
CA PRO A 159 -11.07 -5.88 -6.83
C PRO A 159 -11.46 -6.75 -5.66
N THR A 160 -12.72 -6.59 -5.23
CA THR A 160 -13.21 -7.37 -4.11
C THR A 160 -13.14 -8.87 -4.41
N ASP A 161 -13.38 -9.25 -5.66
CA ASP A 161 -13.45 -10.64 -6.08
C ASP A 161 -12.09 -11.25 -6.43
N TYR A 162 -11.01 -10.48 -6.34
CA TYR A 162 -9.69 -10.99 -6.64
C TYR A 162 -9.48 -12.33 -5.93
N PRO A 163 -8.81 -13.32 -6.55
CA PRO A 163 -8.13 -13.45 -7.85
C PRO A 163 -9.01 -13.82 -9.04
N PHE A 164 -10.32 -13.86 -8.84
CA PHE A 164 -11.20 -14.24 -9.93
C PHE A 164 -11.44 -13.10 -10.91
N LYS A 165 -11.31 -11.87 -10.44
CA LYS A 165 -11.33 -10.71 -11.31
C LYS A 165 -9.92 -10.13 -11.44
N PRO A 166 -9.62 -9.46 -12.56
CA PRO A 166 -8.26 -8.97 -12.75
C PRO A 166 -7.98 -7.78 -11.85
N PRO A 167 -6.70 -7.53 -11.55
CA PRO A 167 -6.32 -6.25 -10.94
C PRO A 167 -6.32 -5.14 -11.98
N LYS A 168 -6.62 -3.93 -11.53
CA LYS A 168 -6.58 -2.75 -12.38
C LYS A 168 -5.19 -2.11 -12.26
N VAL A 169 -4.45 -2.09 -13.36
CA VAL A 169 -3.06 -1.63 -13.37
C VAL A 169 -2.95 -0.48 -14.36
N ALA A 170 -2.38 0.65 -13.91
CA ALA A 170 -2.24 1.81 -14.77
C ALA A 170 -0.96 2.54 -14.44
N PHE A 171 -0.39 3.19 -15.46
CA PHE A 171 0.80 4.01 -15.26
C PHE A 171 0.39 5.36 -14.69
N THR A 172 1.18 5.87 -13.74
CA THR A 172 1.08 7.26 -13.33
C THR A 172 2.22 8.10 -13.87
N THR A 173 3.21 7.48 -14.50
CA THR A 173 4.31 8.17 -15.16
C THR A 173 4.08 8.14 -16.66
N ARG A 174 4.14 9.30 -17.30
CA ARG A 174 3.99 9.35 -18.75
C ARG A 174 5.04 8.47 -19.41
N ILE A 175 4.64 7.79 -20.49
CA ILE A 175 5.54 6.92 -21.24
C ILE A 175 5.06 6.90 -22.69
N TYR A 176 6.02 6.82 -23.62
CA TYR A 176 5.75 6.80 -25.05
C TYR A 176 5.73 5.35 -25.50
N HIS A 177 4.53 4.81 -25.71
CA HIS A 177 4.35 3.40 -26.04
C HIS A 177 3.07 3.23 -26.84
N PRO A 178 3.05 2.32 -27.83
CA PRO A 178 1.80 2.12 -28.58
C PRO A 178 0.64 1.63 -27.72
N ASN A 179 0.92 0.80 -26.72
CA ASN A 179 -0.10 0.17 -25.90
C ASN A 179 -0.33 0.87 -24.57
N ILE A 180 0.17 2.09 -24.41
CA ILE A 180 -0.03 2.87 -23.20
C ILE A 180 -0.40 4.29 -23.60
N ASN A 181 -1.50 4.80 -23.06
CA ASN A 181 -2.01 6.10 -23.45
C ASN A 181 -1.87 7.11 -22.32
N SER A 182 -2.28 8.35 -22.61
CA SER A 182 -2.08 9.44 -21.65
C SER A 182 -2.80 9.18 -20.33
N ASN A 183 -3.87 8.39 -20.34
CA ASN A 183 -4.57 8.03 -19.12
C ASN A 183 -3.77 7.04 -18.28
N GLY A 184 -2.72 6.45 -18.82
CA GLY A 184 -1.99 5.41 -18.14
C GLY A 184 -2.60 4.03 -18.28
N SER A 185 -3.66 3.89 -19.06
CA SER A 185 -4.21 2.57 -19.32
C SER A 185 -3.21 1.73 -20.10
N ILE A 186 -3.22 0.43 -19.83
CA ILE A 186 -2.31 -0.51 -20.46
C ILE A 186 -3.16 -1.51 -21.23
N LYS A 187 -2.96 -1.57 -22.55
CA LYS A 187 -3.62 -2.59 -23.35
C LYS A 187 -2.71 -3.83 -23.34
N LEU A 188 -3.07 -4.79 -22.51
CA LEU A 188 -2.34 -6.05 -22.36
C LEU A 188 -3.38 -7.14 -22.13
N ASP A 189 -3.27 -8.24 -22.86
CA ASP A 189 -4.35 -9.23 -22.86
C ASP A 189 -4.56 -9.82 -21.47
N ILE A 190 -3.47 -10.09 -20.75
CA ILE A 190 -3.62 -10.75 -19.46
C ILE A 190 -4.24 -9.82 -18.41
N LEU A 191 -4.23 -8.51 -18.65
CA LEU A 191 -4.91 -7.59 -17.74
C LEU A 191 -6.41 -7.66 -17.87
N ARG A 192 -6.94 -8.12 -19.00
CA ARG A 192 -8.39 -8.16 -19.19
C ARG A 192 -8.83 -9.51 -19.75
N SER A 193 -8.78 -9.69 -21.08
CA SER A 193 -9.42 -10.87 -21.66
C SER A 193 -8.75 -12.17 -21.20
N GLN A 194 -7.42 -12.16 -21.04
CA GLN A 194 -6.70 -13.39 -20.70
C GLN A 194 -6.33 -13.47 -19.22
N TRP A 195 -6.95 -12.66 -18.37
CA TRP A 195 -6.68 -12.79 -16.94
C TRP A 195 -7.13 -14.17 -16.45
N SER A 196 -6.34 -14.75 -15.55
CA SER A 196 -6.65 -16.02 -14.91
C SER A 196 -6.24 -15.93 -13.45
N PRO A 197 -6.95 -16.62 -12.56
CA PRO A 197 -6.48 -16.69 -11.16
C PRO A 197 -5.07 -17.23 -11.02
N ALA A 198 -4.63 -18.10 -11.94
CA ALA A 198 -3.29 -18.66 -11.84
C ALA A 198 -2.21 -17.57 -11.91
N LEU A 199 -2.47 -16.50 -12.66
CA LEU A 199 -1.50 -15.41 -12.76
C LEU A 199 -1.33 -14.72 -11.41
N THR A 200 -0.19 -14.04 -11.25
CA THR A 200 0.10 -13.28 -10.04
C THR A 200 0.55 -11.88 -10.44
N ILE A 201 0.59 -10.98 -9.45
CA ILE A 201 0.98 -9.60 -9.71
C ILE A 201 2.45 -9.51 -10.12
N SER A 202 3.28 -10.45 -9.64
CA SER A 202 4.65 -10.51 -10.10
C SER A 202 4.72 -10.86 -11.59
N LYS A 203 3.96 -11.87 -12.00
CA LYS A 203 3.90 -12.20 -13.43
C LYS A 203 3.38 -11.03 -14.23
N VAL A 204 2.37 -10.33 -13.71
CA VAL A 204 1.82 -9.17 -14.41
C VAL A 204 2.90 -8.12 -14.62
N LEU A 205 3.72 -7.86 -13.59
CA LEU A 205 4.78 -6.87 -13.71
C LEU A 205 5.84 -7.33 -14.68
N LEU A 206 6.18 -8.62 -14.69
CA LEU A 206 7.12 -9.13 -15.66
C LEU A 206 6.59 -8.99 -17.08
N SER A 207 5.29 -9.26 -17.27
CA SER A 207 4.71 -9.12 -18.61
C SER A 207 4.77 -7.68 -19.08
N ILE A 208 4.53 -6.72 -18.19
CA ILE A 208 4.61 -5.32 -18.58
C ILE A 208 6.05 -4.97 -18.96
N CYS A 209 7.04 -5.53 -18.26
CA CYS A 209 8.43 -5.32 -18.62
C CYS A 209 8.69 -5.79 -20.06
N SER A 210 8.26 -7.00 -20.37
CA SER A 210 8.42 -7.53 -21.72
C SER A 210 7.70 -6.65 -22.74
N LEU A 211 6.53 -6.12 -22.37
CA LEU A 211 5.79 -5.24 -23.28
C LEU A 211 6.58 -3.97 -23.58
N LEU A 212 7.31 -3.45 -22.58
CA LEU A 212 8.16 -2.28 -22.82
C LEU A 212 9.28 -2.62 -23.79
N CYS A 213 9.83 -3.84 -23.70
CA CYS A 213 10.88 -4.25 -24.61
C CYS A 213 10.34 -4.49 -26.01
N ASP A 214 9.15 -5.08 -26.11
CA ASP A 214 8.59 -5.52 -27.39
C ASP A 214 7.13 -5.10 -27.49
N PRO A 215 6.88 -3.88 -27.97
CA PRO A 215 5.50 -3.44 -28.15
C PRO A 215 4.74 -4.31 -29.14
N ASN A 216 3.42 -4.17 -29.13
CA ASN A 216 2.54 -4.83 -30.08
C ASN A 216 1.83 -3.77 -30.91
N PRO A 217 2.49 -3.25 -31.96
CA PRO A 217 1.88 -2.16 -32.73
C PRO A 217 0.67 -2.60 -33.55
N ASP A 218 0.48 -3.91 -33.75
CA ASP A 218 -0.65 -4.39 -34.54
C ASP A 218 -1.99 -4.15 -33.84
N ASP A 219 -2.01 -4.23 -32.50
CA ASP A 219 -3.21 -4.00 -31.70
C ASP A 219 -2.91 -2.86 -30.73
N PRO A 220 -2.90 -1.63 -31.21
CA PRO A 220 -2.40 -0.52 -30.41
C PRO A 220 -3.49 0.15 -29.58
N LEU A 221 -3.04 0.83 -28.54
CA LEU A 221 -3.89 1.75 -27.79
C LEU A 221 -3.81 3.17 -28.33
N VAL A 222 -2.64 3.55 -28.84
CA VAL A 222 -2.41 4.86 -29.45
C VAL A 222 -2.00 4.63 -30.90
N PRO A 223 -2.89 4.88 -31.86
CA PRO A 223 -2.52 4.58 -33.27
C PRO A 223 -1.32 5.36 -33.78
N GLU A 224 -1.24 6.67 -33.49
CA GLU A 224 -0.14 7.48 -34.01
C GLU A 224 1.21 6.89 -33.61
N ILE A 225 1.37 6.56 -32.32
CA ILE A 225 2.64 5.99 -31.86
C ILE A 225 2.91 4.66 -32.55
N ALA A 226 1.87 3.84 -32.72
CA ALA A 226 2.05 2.55 -33.36
C ALA A 226 2.45 2.73 -34.81
N ARG A 227 1.81 3.65 -35.52
CA ARG A 227 2.19 3.93 -36.91
C ARG A 227 3.65 4.38 -36.98
N ILE A 228 4.06 5.26 -36.06
CA ILE A 228 5.44 5.72 -36.05
C ILE A 228 6.39 4.56 -35.77
N TYR A 229 6.01 3.68 -34.85
CA TYR A 229 6.85 2.52 -34.55
C TYR A 229 6.98 1.61 -35.76
N LYS A 230 5.91 1.47 -36.54
CA LYS A 230 5.93 0.55 -37.66
C LYS A 230 6.77 1.10 -38.81
N THR A 231 6.69 2.41 -39.07
CA THR A 231 7.31 3.01 -40.25
C THR A 231 8.65 3.67 -39.96
N ASP A 232 8.83 4.30 -38.78
CA ASP A 232 10.05 5.05 -38.44
C ASP A 232 10.53 4.61 -37.06
N ARG A 233 11.17 3.45 -36.99
CA ARG A 233 11.61 2.94 -35.70
C ARG A 233 12.61 3.88 -35.06
N ASP A 234 13.50 4.48 -35.85
CA ASP A 234 14.47 5.43 -35.29
C ASP A 234 13.75 6.56 -34.56
N LYS A 235 12.69 7.10 -35.17
CA LYS A 235 11.94 8.16 -34.53
C LYS A 235 11.27 7.67 -33.26
N TYR A 236 10.73 6.46 -33.27
CA TYR A 236 10.11 5.92 -32.06
C TYR A 236 11.13 5.83 -30.93
N ASN A 237 12.29 5.24 -31.21
CA ASN A 237 13.36 5.15 -30.21
C ASN A 237 13.77 6.53 -29.72
N ARG A 238 13.84 7.50 -30.63
CA ARG A 238 14.26 8.85 -30.24
C ARG A 238 13.23 9.49 -29.32
N ILE A 239 11.95 9.40 -29.68
CA ILE A 239 10.92 10.03 -28.85
C ILE A 239 10.81 9.34 -27.50
N SER A 240 10.98 8.02 -27.49
CA SER A 240 10.92 7.28 -26.23
C SER A 240 12.01 7.75 -25.27
N ARG A 241 13.24 7.92 -25.78
CA ARG A 241 14.34 8.36 -24.91
C ARG A 241 14.07 9.77 -24.38
N GLU A 242 13.56 10.66 -25.23
CA GLU A 242 13.30 12.03 -24.80
C GLU A 242 12.19 12.08 -23.76
N TRP A 243 11.11 11.30 -23.97
CA TRP A 243 10.06 11.22 -22.97
C TRP A 243 10.58 10.60 -21.68
N THR A 244 11.35 9.52 -21.80
CA THR A 244 11.96 8.92 -20.62
C THR A 244 12.81 9.92 -19.86
N GLN A 245 13.61 10.71 -20.59
CA GLN A 245 14.42 11.74 -19.97
C GLN A 245 13.54 12.79 -19.29
N LYS A 246 12.50 13.23 -19.98
CA LYS A 246 11.71 14.37 -19.50
C LYS A 246 10.86 13.97 -18.29
N TYR A 247 10.18 12.81 -18.35
CA TYR A 247 9.17 12.50 -17.35
C TYR A 247 9.54 11.39 -16.38
N ALA A 248 10.49 10.51 -16.73
CA ALA A 248 10.80 9.35 -15.90
C ALA A 248 12.13 9.51 -15.15
N MET A 249 12.63 10.73 -15.01
CA MET A 249 13.89 10.97 -14.33
C MET A 249 13.67 11.83 -13.09
N GLY A 263 5.85 0.62 -4.97
CA GLY A 263 7.22 1.08 -5.14
C GLY A 263 8.15 0.57 -4.06
N GLY A 264 7.81 -0.59 -3.49
CA GLY A 264 8.64 -1.20 -2.48
C GLY A 264 7.89 -2.30 -1.77
N SER A 265 8.58 -2.91 -0.80
CA SER A 265 7.98 -3.97 -0.01
C SER A 265 6.70 -3.49 0.67
N GLY A 266 6.61 -2.21 1.00
CA GLY A 266 5.44 -1.63 1.64
C GLY A 266 5.71 -1.27 3.08
N SER A 267 4.65 -0.81 3.75
CA SER A 267 4.76 -0.40 5.15
C SER A 267 5.25 -1.53 6.04
N GLY A 268 5.26 -2.77 5.55
CA GLY A 268 5.77 -3.88 6.32
C GLY A 268 4.85 -4.30 7.45
N SER A 269 5.20 -5.41 8.11
CA SER A 269 4.38 -5.94 9.20
C SER A 269 4.83 -5.46 10.57
N ARG A 270 6.04 -4.92 10.68
CA ARG A 270 6.57 -4.52 11.97
C ARG A 270 5.89 -3.25 12.45
N LYS A 271 5.48 -3.25 13.72
CA LYS A 271 4.84 -2.07 14.30
C LYS A 271 5.91 -1.07 14.74
N GLU A 272 5.84 0.15 14.20
CA GLU A 272 6.77 1.19 14.59
C GLU A 272 6.48 1.64 16.02
N SER A 273 7.52 2.07 16.72
CA SER A 273 7.41 2.61 18.06
C SER A 273 7.96 4.03 18.07
N TYR A 274 7.37 4.86 18.92
CA TYR A 274 7.84 6.22 19.15
C TYR A 274 8.15 6.45 20.63
N SER A 275 8.50 5.37 21.33
CA SER A 275 8.72 5.45 22.77
C SER A 275 9.70 6.56 23.12
N ILE A 276 10.78 6.69 22.36
CA ILE A 276 11.79 7.70 22.67
C ILE A 276 11.17 9.09 22.72
N TYR A 277 10.32 9.40 21.74
CA TYR A 277 9.78 10.73 21.58
C TYR A 277 8.50 10.95 22.37
N VAL A 278 7.73 9.90 22.60
CA VAL A 278 6.63 10.01 23.56
C VAL A 278 7.17 10.38 24.93
N TYR A 279 8.27 9.73 25.34
CA TYR A 279 8.86 10.02 26.64
C TYR A 279 9.36 11.46 26.72
N LYS A 280 10.04 11.92 25.68
CA LYS A 280 10.54 13.30 25.67
C LYS A 280 9.38 14.28 25.83
N VAL A 281 8.25 14.04 25.16
CA VAL A 281 7.12 14.93 25.28
C VAL A 281 6.54 14.87 26.69
N LEU A 282 6.45 13.67 27.27
CA LEU A 282 5.92 13.54 28.63
C LEU A 282 6.76 14.32 29.62
N LYS A 283 8.09 14.24 29.49
CA LYS A 283 8.97 14.97 30.40
C LYS A 283 8.76 16.48 30.27
N GLN A 284 8.35 16.95 29.10
CA GLN A 284 8.05 18.37 28.93
C GLN A 284 6.70 18.72 29.54
N VAL A 285 5.73 17.82 29.46
CA VAL A 285 4.36 18.11 29.84
C VAL A 285 4.08 17.73 31.29
N HIS A 286 4.64 16.63 31.76
CA HIS A 286 4.48 16.18 33.15
C HIS A 286 5.81 15.60 33.59
N PRO A 287 6.74 16.44 34.04
CA PRO A 287 8.09 15.93 34.37
C PRO A 287 8.10 14.94 35.52
N ASP A 288 7.11 14.98 36.41
CA ASP A 288 7.07 14.10 37.57
C ASP A 288 6.11 12.94 37.38
N THR A 289 5.74 12.65 36.13
CA THR A 289 4.81 11.57 35.82
C THR A 289 5.44 10.65 34.78
N GLY A 290 5.41 9.35 35.07
CA GLY A 290 5.88 8.35 34.13
C GLY A 290 4.75 7.76 33.32
N ILE A 291 5.09 6.72 32.56
CA ILE A 291 4.11 6.01 31.74
C ILE A 291 4.53 4.56 31.70
N SER A 292 3.57 3.67 31.94
CA SER A 292 3.85 2.24 31.92
C SER A 292 4.09 1.78 30.49
N SER A 293 4.77 0.64 30.34
CA SER A 293 5.06 0.16 29.00
C SER A 293 3.79 -0.27 28.27
N LYS A 294 2.79 -0.77 29.00
CA LYS A 294 1.51 -1.06 28.37
C LYS A 294 0.85 0.22 27.88
N ALA A 295 0.92 1.30 28.67
CA ALA A 295 0.41 2.58 28.20
C ALA A 295 1.22 3.09 27.02
N MET A 296 2.54 2.88 27.04
CA MET A 296 3.38 3.32 25.94
C MET A 296 3.00 2.63 24.64
N GLY A 297 2.63 1.35 24.70
CA GLY A 297 2.18 0.66 23.50
C GLY A 297 0.90 1.23 22.94
N ILE A 298 0.02 1.71 23.82
CA ILE A 298 -1.19 2.38 23.34
C ILE A 298 -0.83 3.70 22.68
N MET A 299 0.10 4.46 23.27
CA MET A 299 0.56 5.69 22.63
C MET A 299 1.10 5.41 21.24
N ASN A 300 1.86 4.32 21.07
CA ASN A 300 2.31 3.95 19.75
C ASN A 300 1.12 3.68 18.82
N SER A 301 0.07 3.04 19.34
CA SER A 301 -1.10 2.76 18.51
C SER A 301 -1.80 4.06 18.10
N PHE A 302 -1.87 5.04 19.01
CA PHE A 302 -2.43 6.33 18.64
C PHE A 302 -1.61 6.98 17.53
N VAL A 303 -0.29 7.10 17.74
CA VAL A 303 0.57 7.79 16.78
C VAL A 303 0.50 7.11 15.41
N ASN A 304 0.60 5.77 15.40
CA ASN A 304 0.56 5.05 14.13
C ASN A 304 -0.79 5.18 13.45
N ASP A 305 -1.87 5.14 14.23
CA ASP A 305 -3.19 5.33 13.65
C ASP A 305 -3.31 6.71 13.00
N ILE A 306 -2.83 7.75 13.68
CA ILE A 306 -2.94 9.09 13.13
C ILE A 306 -2.03 9.24 11.91
N PHE A 307 -0.82 8.69 11.97
CA PHE A 307 0.07 8.72 10.82
C PHE A 307 -0.60 8.09 9.60
N GLU A 308 -1.10 6.86 9.74
CA GLU A 308 -1.66 6.16 8.59
C GLU A 308 -2.85 6.91 7.99
N ARG A 309 -3.67 7.52 8.84
CA ARG A 309 -4.88 8.19 8.34
C ARG A 309 -4.54 9.49 7.62
N ILE A 310 -3.64 10.29 8.18
CA ILE A 310 -3.26 11.54 7.53
C ILE A 310 -2.57 11.26 6.20
N ALA A 311 -1.54 10.42 6.24
CA ALA A 311 -0.80 10.12 5.01
C ALA A 311 -1.71 9.48 3.97
N GLY A 312 -2.57 8.55 4.40
CA GLY A 312 -3.47 7.90 3.46
C GLY A 312 -4.36 8.90 2.74
N GLU A 313 -4.97 9.82 3.49
CA GLU A 313 -5.76 10.88 2.88
C GLU A 313 -4.89 11.77 2.01
N ALA A 314 -3.72 12.17 2.52
CA ALA A 314 -2.79 12.94 1.72
C ALA A 314 -2.43 12.21 0.43
N SER A 315 -2.32 10.87 0.52
CA SER A 315 -2.14 10.08 -0.70
C SER A 315 -3.34 10.19 -1.61
N ARG A 316 -4.55 10.10 -1.05
CA ARG A 316 -5.75 10.21 -1.87
C ARG A 316 -5.78 11.54 -2.60
N LEU A 317 -5.44 12.63 -1.92
CA LEU A 317 -5.47 13.94 -2.55
C LEU A 317 -4.47 14.06 -3.68
N ALA A 318 -3.24 13.57 -3.45
CA ALA A 318 -2.22 13.65 -4.49
C ALA A 318 -2.68 12.94 -5.75
N HIS A 319 -3.16 11.70 -5.61
CA HIS A 319 -3.67 10.96 -6.76
C HIS A 319 -4.88 11.66 -7.38
N TYR A 320 -5.77 12.19 -6.54
CA TYR A 320 -6.97 12.84 -7.05
C TYR A 320 -6.62 14.04 -7.93
N ASN A 321 -5.58 14.77 -7.57
CA ASN A 321 -5.16 15.95 -8.31
C ASN A 321 -3.96 15.68 -9.21
N LYS A 322 -3.63 14.41 -9.43
CA LYS A 322 -2.59 14.00 -10.37
C LYS A 322 -1.24 14.62 -10.01
N ARG A 323 -0.93 14.65 -8.72
CA ARG A 323 0.32 15.22 -8.22
C ARG A 323 1.28 14.09 -7.88
N SER A 324 2.52 14.22 -8.35
CA SER A 324 3.53 13.21 -8.06
C SER A 324 4.10 13.33 -6.66
N THR A 325 4.09 14.53 -6.10
CA THR A 325 4.76 14.80 -4.83
C THR A 325 3.73 15.18 -3.77
N ILE A 326 3.84 14.54 -2.61
CA ILE A 326 3.11 14.98 -1.43
C ILE A 326 3.89 16.10 -0.76
N THR A 327 3.23 17.22 -0.53
CA THR A 327 3.82 18.40 0.09
C THR A 327 3.03 18.73 1.36
N SER A 328 3.50 19.74 2.09
CA SER A 328 2.78 20.17 3.29
C SER A 328 1.33 20.52 2.99
N ARG A 329 1.00 20.87 1.74
CA ARG A 329 -0.37 21.26 1.43
C ARG A 329 -1.33 20.09 1.55
N GLU A 330 -0.97 18.92 1.02
CA GLU A 330 -1.84 17.76 1.15
C GLU A 330 -1.95 17.32 2.59
N ILE A 331 -0.87 17.43 3.35
CA ILE A 331 -0.92 17.08 4.77
C ILE A 331 -1.88 17.99 5.50
N GLN A 332 -1.87 19.27 5.17
CA GLN A 332 -2.73 20.23 5.86
C GLN A 332 -4.19 19.96 5.56
N THR A 333 -4.52 19.77 4.28
CA THR A 333 -5.92 19.51 3.94
C THR A 333 -6.39 18.19 4.53
N ALA A 334 -5.51 17.19 4.58
CA ALA A 334 -5.85 15.95 5.28
C ALA A 334 -6.18 16.24 6.74
N VAL A 335 -5.32 17.00 7.41
CA VAL A 335 -5.53 17.34 8.82
C VAL A 335 -6.85 18.07 9.00
N ARG A 336 -7.13 19.05 8.14
CA ARG A 336 -8.32 19.87 8.31
C ARG A 336 -9.61 19.07 8.12
N LEU A 337 -9.58 18.04 7.30
CA LEU A 337 -10.78 17.25 7.06
C LEU A 337 -10.98 16.17 8.11
N LEU A 338 -9.90 15.58 8.61
CA LEU A 338 -10.00 14.42 9.49
C LEU A 338 -9.99 14.79 10.97
N LEU A 339 -9.29 15.84 11.36
CA LEU A 339 -9.29 16.24 12.76
C LEU A 339 -10.51 17.11 13.07
N PRO A 340 -11.09 17.00 14.26
CA PRO A 340 -12.24 17.83 14.58
C PRO A 340 -11.88 19.16 15.24
N GLY A 341 -12.70 20.17 14.91
CA GLY A 341 -12.77 21.38 15.69
C GLY A 341 -11.45 22.01 16.04
N GLU A 342 -11.24 22.24 17.33
CA GLU A 342 -10.05 22.95 17.78
C GLU A 342 -8.79 22.13 17.56
N LEU A 343 -8.87 20.80 17.69
CA LEU A 343 -7.71 19.98 17.40
C LEU A 343 -7.20 20.26 15.99
N ALA A 344 -8.10 20.39 15.02
CA ALA A 344 -7.67 20.69 13.66
C ALA A 344 -7.06 22.07 13.56
N LYS A 345 -7.70 23.08 14.17
CA LYS A 345 -7.16 24.43 14.12
C LYS A 345 -5.79 24.51 14.76
N HIS A 346 -5.60 23.83 15.90
CA HIS A 346 -4.31 23.85 16.56
C HIS A 346 -3.28 23.03 15.80
N ALA A 347 -3.68 21.85 15.32
CA ALA A 347 -2.74 21.03 14.54
C ALA A 347 -2.24 21.80 13.32
N VAL A 348 -3.15 22.47 12.60
CA VAL A 348 -2.73 23.28 11.45
C VAL A 348 -1.77 24.37 11.90
N SER A 349 -2.02 24.96 13.08
CA SER A 349 -1.11 25.99 13.58
C SER A 349 0.27 25.43 13.85
N GLU A 350 0.34 24.31 14.57
CA GLU A 350 1.64 23.72 14.89
C GLU A 350 2.40 23.29 13.64
N GLY A 351 1.68 22.75 12.65
CA GLY A 351 2.33 22.35 11.42
C GLY A 351 2.86 23.54 10.63
N THR A 352 2.05 24.59 10.52
CA THR A 352 2.50 25.78 9.80
C THR A 352 3.70 26.42 10.50
N LYS A 353 3.71 26.41 11.83
CA LYS A 353 4.81 27.04 12.56
C LYS A 353 6.09 26.23 12.43
N ALA A 354 5.99 24.91 12.43
CA ALA A 354 7.18 24.07 12.27
C ALA A 354 7.79 24.24 10.88
N VAL A 355 6.96 24.25 9.85
CA VAL A 355 7.46 24.43 8.49
C VAL A 355 8.10 25.79 8.33
N THR A 356 7.46 26.83 8.90
CA THR A 356 8.04 28.17 8.84
C THR A 356 9.40 28.23 9.51
N LYS A 357 9.53 27.62 10.68
CA LYS A 357 10.81 27.61 11.39
C LYS A 357 11.84 26.76 10.66
N TYR A 358 11.38 25.68 9.99
CA TYR A 358 12.32 24.78 9.32
C TYR A 358 12.97 25.44 8.10
N THR A 359 12.19 26.23 7.35
CA THR A 359 12.72 26.86 6.15
C THR A 359 13.72 27.97 6.50
N SER A 360 13.47 28.69 7.58
CA SER A 360 14.32 29.81 7.95
C SER A 360 15.53 29.40 8.76
N SER A 361 15.52 28.21 9.35
CA SER A 361 16.58 27.80 10.25
C SER A 361 17.85 27.44 9.47
N ALA A 362 18.93 27.23 10.22
CA ALA A 362 20.21 26.86 9.63
C ALA A 362 20.17 25.41 9.15
N LYS A 363 20.61 25.18 7.92
CA LYS A 363 20.54 23.86 7.33
C LYS A 363 21.54 22.88 7.93
N ALA A 364 22.38 23.31 8.86
CA ALA A 364 23.39 22.43 9.42
C ALA A 364 22.80 21.46 10.45
N LYS A 365 21.89 21.94 11.29
CA LYS A 365 21.42 21.13 12.40
C LYS A 365 20.45 20.05 11.91
N THR A 366 20.16 19.10 12.79
CA THR A 366 19.26 18.02 12.46
C THR A 366 17.89 18.56 12.09
N ARG A 367 17.20 17.83 11.20
CA ARG A 367 15.93 18.32 10.68
C ARG A 367 14.91 18.54 11.78
N SER A 368 14.84 17.60 12.73
CA SER A 368 13.94 17.77 13.87
C SER A 368 14.30 19.03 14.67
N SER A 369 15.60 19.31 14.83
CA SER A 369 16.01 20.50 15.53
C SER A 369 15.67 21.76 14.74
N ARG A 370 15.84 21.71 13.42
CA ARG A 370 15.50 22.85 12.58
C ARG A 370 14.03 23.24 12.72
N ALA A 371 13.16 22.27 13.00
CA ALA A 371 11.73 22.51 13.13
C ALA A 371 11.29 22.71 14.57
N GLY A 372 12.21 22.61 15.53
CA GLY A 372 11.83 22.73 16.93
C GLY A 372 10.99 21.59 17.43
N LEU A 373 11.14 20.40 16.87
CA LEU A 373 10.30 19.27 17.20
C LEU A 373 11.12 18.19 17.92
N GLN A 374 10.44 17.45 18.80
CA GLN A 374 11.02 16.26 19.38
C GLN A 374 10.88 15.06 18.44
N PHE A 375 9.75 14.98 17.73
CA PHE A 375 9.51 13.85 16.83
C PHE A 375 10.46 13.91 15.64
N PRO A 376 10.88 12.74 15.12
CA PRO A 376 11.98 12.69 14.14
C PRO A 376 11.53 12.99 12.72
N VAL A 377 11.94 14.14 12.20
CA VAL A 377 11.51 14.58 10.87
C VAL A 377 12.01 13.62 9.80
N GLY A 378 13.32 13.37 9.80
CA GLY A 378 13.89 12.48 8.79
C GLY A 378 13.28 11.09 8.80
N ARG A 379 12.89 10.60 9.98
CA ARG A 379 12.27 9.28 10.04
C ARG A 379 10.86 9.30 9.49
N VAL A 380 10.09 10.35 9.80
CA VAL A 380 8.75 10.49 9.24
C VAL A 380 8.82 10.56 7.74
N HIS A 381 9.87 11.18 7.20
CA HIS A 381 10.00 11.28 5.75
C HIS A 381 10.12 9.90 5.11
N ARG A 382 11.00 9.05 5.67
CA ARG A 382 11.17 7.71 5.13
C ARG A 382 9.85 6.94 5.20
N LEU A 383 9.15 7.00 6.33
CA LEU A 383 7.89 6.30 6.47
C LEU A 383 6.86 6.81 5.47
N LEU A 384 6.99 8.05 5.00
CA LEU A 384 6.10 8.52 3.94
C LEU A 384 6.50 7.94 2.59
N ARG A 385 7.80 7.80 2.33
CA ARG A 385 8.23 7.16 1.08
C ARG A 385 8.02 5.64 1.16
N LYS A 386 8.38 5.04 2.29
CA LYS A 386 8.24 3.59 2.45
C LYS A 386 6.78 3.15 2.28
N GLY A 387 5.84 3.97 2.73
CA GLY A 387 4.44 3.61 2.66
C GLY A 387 3.84 3.69 1.27
N ASN A 388 4.60 4.16 0.29
CA ASN A 388 4.16 4.17 -1.11
C ASN A 388 2.96 5.07 -1.32
N TYR A 389 2.85 6.14 -0.53
CA TYR A 389 1.72 7.06 -0.65
C TYR A 389 1.80 7.88 -1.94
N SER A 390 3.00 8.08 -2.46
CA SER A 390 3.19 8.88 -3.66
C SER A 390 4.54 8.52 -4.28
N GLU A 391 4.78 9.07 -5.47
CA GLU A 391 6.09 8.89 -6.11
C GLU A 391 7.17 9.62 -5.33
N ARG A 392 6.90 10.86 -4.92
CA ARG A 392 7.86 11.67 -4.19
C ARG A 392 7.19 12.28 -2.97
N VAL A 393 8.03 12.68 -2.01
CA VAL A 393 7.59 13.35 -0.79
C VAL A 393 8.44 14.59 -0.59
N GLY A 394 7.81 15.76 -0.56
CA GLY A 394 8.51 17.00 -0.31
C GLY A 394 9.03 17.10 1.11
N ALA A 395 9.93 18.07 1.32
CA ALA A 395 10.63 18.20 2.60
C ALA A 395 9.78 18.84 3.68
N GLY A 396 8.80 19.65 3.30
CA GLY A 396 7.91 20.22 4.29
C GLY A 396 6.89 19.24 4.83
N ALA A 397 6.52 18.24 4.03
CA ALA A 397 5.51 17.28 4.46
C ALA A 397 5.90 16.59 5.77
N PRO A 398 7.05 15.93 5.88
CA PRO A 398 7.37 15.23 7.14
C PRO A 398 7.49 16.16 8.33
N VAL A 399 7.92 17.40 8.10
CA VAL A 399 7.99 18.37 9.19
C VAL A 399 6.60 18.68 9.72
N TYR A 400 5.68 19.00 8.81
CA TYR A 400 4.29 19.28 9.17
C TYR A 400 3.67 18.08 9.87
N LEU A 401 3.85 16.88 9.30
CA LEU A 401 3.26 15.69 9.91
C LEU A 401 3.89 15.40 11.28
N ALA A 402 5.22 15.52 11.37
CA ALA A 402 5.88 15.32 12.66
C ALA A 402 5.34 16.28 13.71
N ALA A 403 5.08 17.53 13.32
CA ALA A 403 4.59 18.51 14.29
C ALA A 403 3.15 18.21 14.68
N VAL A 404 2.35 17.71 13.75
CA VAL A 404 0.97 17.34 14.09
C VAL A 404 0.98 16.14 15.05
N LEU A 405 1.84 15.16 14.78
CA LEU A 405 1.92 14.01 15.67
C LEU A 405 2.40 14.41 17.06
N GLU A 406 3.41 15.27 17.13
CA GLU A 406 3.90 15.72 18.44
C GLU A 406 2.81 16.48 19.20
N TYR A 407 2.06 17.33 18.50
CA TYR A 407 1.02 18.11 19.17
C TYR A 407 -0.05 17.20 19.75
N LEU A 408 -0.53 16.25 18.95
CA LEU A 408 -1.56 15.33 19.44
C LEU A 408 -1.02 14.46 20.57
N THR A 409 0.24 14.03 20.48
CA THR A 409 0.83 13.24 21.55
C THR A 409 0.87 14.05 22.84
N ALA A 410 1.30 15.31 22.75
CA ALA A 410 1.32 16.18 23.92
C ALA A 410 -0.08 16.35 24.50
N GLU A 411 -1.07 16.59 23.64
CA GLU A 411 -2.44 16.72 24.12
C GLU A 411 -2.88 15.49 24.88
N ILE A 412 -2.65 14.31 24.31
CA ILE A 412 -3.07 13.07 24.96
C ILE A 412 -2.30 12.87 26.27
N LEU A 413 -0.99 13.15 26.25
CA LEU A 413 -0.19 12.93 27.45
C LEU A 413 -0.56 13.91 28.56
N GLU A 414 -0.81 15.18 28.21
CA GLU A 414 -1.22 16.13 29.23
C GLU A 414 -2.50 15.65 29.92
N LEU A 415 -3.49 15.23 29.13
CA LEU A 415 -4.78 14.84 29.70
C LEU A 415 -4.67 13.52 30.44
N ALA A 416 -3.85 12.59 29.93
CA ALA A 416 -3.64 11.32 30.62
C ALA A 416 -2.95 11.54 31.96
N GLY A 417 -1.96 12.43 31.99
CA GLY A 417 -1.31 12.75 33.25
C GLY A 417 -2.27 13.39 34.25
N ASN A 418 -3.05 14.36 33.77
CA ASN A 418 -4.11 14.93 34.60
C ASN A 418 -5.02 13.84 35.14
N ALA A 419 -5.46 12.93 34.26
CA ALA A 419 -6.34 11.85 34.70
C ALA A 419 -5.66 10.95 35.73
N ALA A 420 -4.33 10.82 35.64
CA ALA A 420 -3.61 10.04 36.64
C ALA A 420 -3.56 10.77 37.97
N ARG A 421 -3.34 12.09 37.93
CA ARG A 421 -3.31 12.88 39.15
C ARG A 421 -4.65 12.92 39.86
N ASP A 422 -5.74 12.59 39.16
CA ASP A 422 -7.05 12.55 39.80
C ASP A 422 -7.17 11.33 40.72
N ASN A 423 -6.67 10.17 40.26
CA ASN A 423 -6.63 8.97 41.07
C ASN A 423 -5.42 8.93 42.00
N LYS A 424 -4.74 10.07 42.19
CA LYS A 424 -3.60 10.16 43.07
C LYS A 424 -2.49 9.19 42.65
N LYS A 425 -2.22 9.14 41.35
CA LYS A 425 -1.21 8.25 40.79
C LYS A 425 -0.12 9.08 40.12
N THR A 426 1.09 8.50 40.07
CA THR A 426 2.24 9.16 39.48
C THR A 426 2.67 8.56 38.15
N ARG A 427 1.98 7.54 37.66
CA ARG A 427 2.38 6.85 36.45
C ARG A 427 1.18 6.59 35.57
N ILE A 428 1.29 6.95 34.29
CA ILE A 428 0.19 6.76 33.35
C ILE A 428 0.04 5.29 33.02
N ILE A 429 -1.17 4.77 33.19
CA ILE A 429 -1.50 3.39 32.82
C ILE A 429 -2.60 3.44 31.77
N PRO A 430 -2.87 2.33 31.07
CA PRO A 430 -3.89 2.36 30.01
C PRO A 430 -5.20 3.00 30.44
N ARG A 431 -5.65 2.74 31.65
CA ARG A 431 -6.94 3.29 32.09
C ARG A 431 -6.95 4.81 32.01
N HIS A 432 -5.84 5.44 32.43
CA HIS A 432 -5.76 6.90 32.35
C HIS A 432 -5.76 7.38 30.91
N LEU A 433 -5.24 6.57 29.98
CA LEU A 433 -5.33 6.92 28.57
C LEU A 433 -6.76 6.80 28.07
N GLN A 434 -7.48 5.77 28.53
CA GLN A 434 -8.89 5.63 28.16
C GLN A 434 -9.71 6.79 28.70
N LEU A 435 -9.45 7.19 29.95
CA LEU A 435 -10.16 8.30 30.54
C LEU A 435 -9.89 9.60 29.79
N ALA A 436 -8.61 9.89 29.53
CA ALA A 436 -8.28 11.13 28.84
C ALA A 436 -8.95 11.22 27.47
N ILE A 437 -9.11 10.09 26.80
CA ILE A 437 -9.78 10.08 25.50
C ILE A 437 -11.27 10.32 25.67
N ARG A 438 -11.90 9.54 26.56
CA ARG A 438 -13.35 9.61 26.70
C ARG A 438 -13.82 10.96 27.25
N ASN A 439 -13.00 11.59 28.10
CA ASN A 439 -13.40 12.82 28.76
C ASN A 439 -13.18 14.07 27.91
N ASP A 440 -12.59 13.93 26.72
CA ASP A 440 -12.39 15.04 25.80
C ASP A 440 -13.18 14.74 24.53
N GLU A 441 -14.23 15.53 24.28
CA GLU A 441 -15.14 15.22 23.19
C GLU A 441 -14.39 15.11 21.86
N GLU A 442 -13.49 16.04 21.58
CA GLU A 442 -12.79 16.05 20.30
C GLU A 442 -11.87 14.83 20.19
N LEU A 443 -11.08 14.54 21.23
CA LEU A 443 -10.17 13.40 21.15
C LEU A 443 -10.95 12.09 21.00
N ASN A 444 -12.11 12.00 21.65
CA ASN A 444 -12.91 10.79 21.53
C ASN A 444 -13.46 10.62 20.13
N LYS A 445 -13.80 11.74 19.46
CA LYS A 445 -14.16 11.68 18.06
C LYS A 445 -13.01 11.18 17.20
N LEU A 446 -11.77 11.52 17.58
CA LEU A 446 -10.62 11.18 16.77
C LEU A 446 -10.13 9.76 17.04
N LEU A 447 -9.93 9.42 18.32
CA LEU A 447 -9.29 8.16 18.68
C LEU A 447 -10.20 7.20 19.43
N GLY A 448 -11.51 7.48 19.48
CA GLY A 448 -12.40 6.60 20.21
C GLY A 448 -12.47 5.20 19.63
N ARG A 449 -12.31 5.08 18.32
CA ARG A 449 -12.38 3.78 17.66
C ARG A 449 -11.14 2.93 17.90
N VAL A 450 -10.01 3.54 18.26
CA VAL A 450 -8.82 2.78 18.59
C VAL A 450 -9.10 1.97 19.86
N THR A 451 -8.82 0.67 19.80
CA THR A 451 -9.12 -0.20 20.92
C THR A 451 -8.14 0.01 22.06
N ILE A 452 -8.66 0.11 23.28
CA ILE A 452 -7.86 0.30 24.48
C ILE A 452 -8.20 -0.82 25.46
N ALA A 453 -7.17 -1.52 25.93
CA ALA A 453 -7.37 -2.59 26.90
C ALA A 453 -7.15 -2.08 28.32
ZN ZN B . -9.56 -25.57 -16.39
ZN ZN C . -6.51 -23.65 -2.96
CL CL D . -20.95 -30.13 -17.86
CL CL E . -6.50 1.90 -16.72
CL CL F . 6.77 19.93 1.01
CL CL G . -11.44 9.49 9.58
#